data_6R2P
#
_entry.id   6R2P
#
_cell.length_a   95.895
_cell.length_b   63.835
_cell.length_c   87.651
_cell.angle_alpha   90.00
_cell.angle_beta   90.00
_cell.angle_gamma   90.00
#
_symmetry.space_group_name_H-M   'P 21 21 2'
#
loop_
_entity.id
_entity.type
_entity.pdbx_description
1 polymer 'Ferulic acid decarboxylase 1'
2 non-polymer 'FLAVIN MONONUCLEOTIDE'
3 non-polymer 'MANGANESE (II) ION'
4 non-polymer 'POTASSIUM ION'
5 non-polymer 'PHENYLETHYLENECARBOXYLIC ACID'
6 water water
#
_entity_poly.entity_id   1
_entity_poly.type   'polypeptide(L)'
_entity_poly.pdbx_seq_one_letter_code
;MSAQPAHLCFRSFVEALKVDNDLVEINTPIDPNLEAAAITRRVCETNDKAPLFNNLIGMKNGLFRILGAPGSLRKSSADR
YGRLARHLALPPTASMREILDKMLSASDMPPIPPTIVPTGPCKENSLDDSEFDLTELPVPLIHKSDGGKYIQTYGMHIVQ
SPDGTWTNWSIARAMVHDKNHLTGLVIPPQHIWQIHQMWKKEGRSDVPWALAFGVPPAAIMASSMPIPDGVTEAGYVGAM
TGSSLELVKCDTNDLYVPATSEIVLEGTLSISETGPEGPFGEMHGYIFPGDTHLGAKYKVNRITYRNNAIMPMSSCGRLT
DETHTMIGSLAAAEIRKLCQQNDLPITDAFAPFESQVTWVALRVDTEKLRAMKTTSEGFRKRVGDVVFNHKAGYTIHRLV
LVGDDIDVYEGKDVLWAFSTRCRPGMDETLFEDVRGFPLIPYMGHGNGPAHRGGKVVSDALMPTEYTTGRNWEAADFNQS
YPEDLKQKVLDNWTKMGFSNLEHHHHHH
;
_entity_poly.pdbx_strand_id   A
#
loop_
_chem_comp.id
_chem_comp.type
_chem_comp.name
_chem_comp.formula
FMN non-polymer 'FLAVIN MONONUCLEOTIDE' 'C17 H21 N4 O9 P'
K non-polymer 'POTASSIUM ION' 'K 1'
MN non-polymer 'MANGANESE (II) ION' 'Mn 2'
TCA non-polymer 'PHENYLETHYLENECARBOXYLIC ACID' 'C9 H8 O2'
#
# COMPACT_ATOMS: atom_id res chain seq x y z
CA ALA A 3 16.68 -20.07 7.24
C ALA A 3 15.23 -20.46 6.84
N GLN A 4 14.40 -19.49 6.39
CA GLN A 4 12.87 -19.39 6.65
C GLN A 4 11.89 -19.15 5.47
N PRO A 5 10.54 -19.18 5.70
CA PRO A 5 9.66 -19.00 4.52
C PRO A 5 9.61 -17.59 3.97
N ALA A 6 9.29 -17.49 2.67
CA ALA A 6 9.38 -16.15 1.94
C ALA A 6 8.52 -15.11 2.56
N HIS A 7 7.32 -15.44 3.10
CA HIS A 7 6.50 -14.44 3.67
C HIS A 7 6.94 -13.89 5.04
N LEU A 8 7.91 -14.62 5.64
CA LEU A 8 8.46 -14.31 6.94
C LEU A 8 9.90 -13.80 6.87
N CYS A 9 10.53 -13.77 5.75
CA CYS A 9 11.96 -13.42 5.62
C CYS A 9 12.14 -12.84 4.27
N PHE A 10 12.58 -11.56 4.25
CA PHE A 10 12.77 -10.84 2.99
C PHE A 10 13.83 -11.46 2.11
N ARG A 11 14.87 -11.97 2.68
CA ARG A 11 15.89 -12.61 1.87
C ARG A 11 15.33 -13.80 1.14
N SER A 12 14.50 -14.58 1.86
CA SER A 12 13.82 -15.64 1.17
C SER A 12 12.83 -15.26 0.13
N PHE A 13 12.15 -14.14 0.37
CA PHE A 13 11.30 -13.54 -0.65
C PHE A 13 12.04 -13.21 -1.96
N VAL A 14 13.23 -12.64 -1.79
CA VAL A 14 14.08 -12.34 -3.02
C VAL A 14 14.33 -13.67 -3.79
N GLU A 15 14.68 -14.70 -3.05
N GLU A 15 14.68 -14.69 -3.04
CA GLU A 15 14.96 -16.00 -3.71
CA GLU A 15 14.97 -16.02 -3.64
C GLU A 15 13.69 -16.49 -4.36
C GLU A 15 13.70 -16.51 -4.33
N ALA A 16 12.51 -16.29 -3.74
CA ALA A 16 11.29 -16.73 -4.34
C ALA A 16 11.03 -15.99 -5.64
N LEU A 17 11.29 -14.69 -5.69
CA LEU A 17 11.14 -14.05 -6.96
C LEU A 17 12.12 -14.61 -8.06
N LYS A 18 13.34 -14.90 -7.69
N LYS A 18 13.35 -14.88 -7.64
CA LYS A 18 14.22 -15.55 -8.62
CA LYS A 18 14.39 -15.49 -8.47
C LYS A 18 13.63 -16.88 -9.16
C LYS A 18 13.90 -16.85 -9.01
N VAL A 19 13.18 -17.74 -8.26
N VAL A 19 13.38 -17.70 -8.13
CA VAL A 19 12.69 -19.10 -8.68
CA VAL A 19 12.95 -19.03 -8.62
C VAL A 19 11.49 -18.90 -9.57
C VAL A 19 11.58 -18.95 -9.39
N ASP A 20 10.71 -17.89 -9.26
CA ASP A 20 9.60 -17.62 -10.09
C ASP A 20 9.90 -17.09 -11.49
N ASN A 21 11.20 -16.88 -11.76
CA ASN A 21 11.64 -16.24 -13.00
C ASN A 21 10.95 -14.79 -13.08
N ASP A 22 10.98 -14.14 -11.93
CA ASP A 22 10.35 -12.82 -11.72
C ASP A 22 11.34 -11.79 -11.24
N LEU A 23 12.64 -12.08 -11.38
N LEU A 23 12.60 -11.96 -11.59
CA LEU A 23 13.78 -11.27 -10.96
CA LEU A 23 13.64 -11.13 -11.11
C LEU A 23 14.76 -11.11 -12.11
C LEU A 23 14.88 -11.12 -11.99
N VAL A 24 15.34 -9.92 -12.20
CA VAL A 24 16.55 -9.72 -12.98
C VAL A 24 17.62 -9.17 -12.10
N GLU A 25 18.67 -9.92 -11.99
CA GLU A 25 19.85 -9.50 -11.18
C GLU A 25 20.80 -8.72 -12.08
N ILE A 26 21.08 -7.52 -11.69
CA ILE A 26 21.96 -6.64 -12.46
C ILE A 26 23.22 -6.48 -11.62
N ASN A 27 24.30 -7.12 -12.14
CA ASN A 27 25.56 -7.29 -11.38
C ASN A 27 26.59 -6.30 -11.82
N THR A 28 26.32 -5.49 -12.84
CA THR A 28 27.23 -4.38 -13.32
C THR A 28 26.90 -3.09 -12.52
N PRO A 29 27.78 -2.13 -12.53
CA PRO A 29 27.49 -0.96 -11.68
C PRO A 29 26.33 -0.13 -12.15
N ILE A 30 25.45 0.21 -11.20
CA ILE A 30 24.24 0.98 -11.50
C ILE A 30 24.26 2.19 -10.55
N ASP A 31 23.94 3.36 -11.07
CA ASP A 31 23.97 4.56 -10.26
C ASP A 31 22.70 4.72 -9.37
N PRO A 32 22.80 4.89 -8.06
CA PRO A 32 21.60 5.23 -7.34
C PRO A 32 21.06 6.60 -7.64
N ASN A 33 21.91 7.49 -8.25
CA ASN A 33 21.38 8.77 -8.68
C ASN A 33 20.62 8.49 -10.02
N LEU A 34 19.29 8.41 -9.90
CA LEU A 34 18.33 8.24 -10.98
C LEU A 34 18.31 6.93 -11.73
N GLU A 35 19.44 6.28 -12.02
CA GLU A 35 19.46 5.09 -12.85
C GLU A 35 18.69 3.92 -12.30
N ALA A 36 18.97 3.60 -11.03
CA ALA A 36 18.21 2.48 -10.45
C ALA A 36 16.69 2.69 -10.50
N ALA A 37 16.29 3.89 -10.13
CA ALA A 37 14.89 4.26 -10.10
C ALA A 37 14.29 4.34 -11.55
N ALA A 38 15.08 4.75 -12.55
CA ALA A 38 14.59 4.84 -13.94
C ALA A 38 14.31 3.43 -14.40
N ILE A 39 15.21 2.47 -14.17
CA ILE A 39 15.02 1.09 -14.54
C ILE A 39 13.75 0.56 -13.85
N THR A 40 13.65 0.83 -12.52
CA THR A 40 12.48 0.44 -11.77
C THR A 40 11.15 1.01 -12.30
N ARG A 41 11.20 2.28 -12.65
CA ARG A 41 10.03 2.95 -13.17
C ARG A 41 9.60 2.28 -14.44
N ARG A 42 10.53 2.01 -15.35
N ARG A 42 10.51 1.98 -15.38
CA ARG A 42 10.19 1.32 -16.59
CA ARG A 42 10.10 1.29 -16.61
C ARG A 42 9.65 -0.07 -16.34
C ARG A 42 9.63 -0.14 -16.36
N VAL A 43 10.25 -0.83 -15.39
CA VAL A 43 9.67 -2.10 -15.02
C VAL A 43 8.21 -1.93 -14.59
N CYS A 44 7.93 -0.93 -13.72
CA CYS A 44 6.54 -0.76 -13.26
C CYS A 44 5.53 -0.40 -14.36
N GLU A 45 6.00 0.40 -15.33
CA GLU A 45 5.15 0.84 -16.42
C GLU A 45 4.88 -0.29 -17.40
N THR A 46 5.68 -1.36 -17.36
CA THR A 46 5.57 -2.43 -18.32
C THR A 46 5.37 -3.77 -17.73
N ASN A 47 5.13 -3.80 -16.41
CA ASN A 47 4.91 -5.02 -15.69
C ASN A 47 6.00 -6.08 -15.85
N ASP A 48 7.26 -5.63 -15.93
CA ASP A 48 8.42 -6.53 -16.12
C ASP A 48 8.85 -7.11 -14.78
N LYS A 49 9.89 -7.92 -14.87
CA LYS A 49 10.45 -8.57 -13.73
C LYS A 49 11.07 -7.55 -12.77
N ALA A 50 11.09 -7.90 -11.45
CA ALA A 50 11.65 -7.02 -10.47
C ALA A 50 13.19 -6.91 -10.59
N PRO A 51 13.77 -5.72 -10.56
CA PRO A 51 15.23 -5.60 -10.64
C PRO A 51 15.92 -5.65 -9.33
N LEU A 52 17.00 -6.44 -9.24
CA LEU A 52 17.85 -6.52 -8.06
C LEU A 52 19.24 -5.93 -8.47
N PHE A 53 19.54 -4.84 -7.87
CA PHE A 53 20.78 -4.13 -8.16
C PHE A 53 21.81 -4.59 -7.15
N ASN A 54 22.67 -5.50 -7.60
CA ASN A 54 23.68 -6.08 -6.74
C ASN A 54 25.02 -5.26 -6.73
N ASN A 55 25.10 -4.22 -7.54
CA ASN A 55 26.37 -3.47 -7.69
C ASN A 55 26.01 -2.04 -7.82
N LEU A 56 25.68 -1.44 -6.71
N LEU A 56 25.63 -1.41 -6.70
CA LEU A 56 25.19 -0.10 -6.69
CA LEU A 56 25.30 0.06 -6.66
C LEU A 56 26.42 0.79 -6.43
C LEU A 56 26.47 0.86 -6.38
N ILE A 57 26.59 1.83 -7.24
CA ILE A 57 27.69 2.81 -7.11
C ILE A 57 27.55 3.54 -5.78
N GLY A 58 28.55 3.39 -4.94
CA GLY A 58 28.45 4.03 -3.59
C GLY A 58 28.18 3.03 -2.47
N MET A 59 27.89 1.73 -2.81
N MET A 59 27.94 1.74 -2.81
CA MET A 59 27.71 0.69 -1.75
CA MET A 59 27.89 0.79 -1.70
C MET A 59 29.06 0.49 -1.03
C MET A 59 29.20 0.89 -0.90
N LYS A 60 29.08 0.59 0.30
CA LYS A 60 30.34 0.41 1.06
C LYS A 60 30.07 -0.40 2.28
N ASN A 61 30.97 -1.38 2.57
CA ASN A 61 30.81 -2.15 3.85
C ASN A 61 29.45 -2.80 4.00
N GLY A 62 28.92 -3.26 2.92
CA GLY A 62 27.69 -3.99 2.85
C GLY A 62 26.42 -3.14 2.74
N LEU A 63 26.49 -1.79 2.72
CA LEU A 63 25.30 -1.02 2.61
C LEU A 63 25.33 -0.31 1.25
N PHE A 64 24.44 -0.62 0.29
CA PHE A 64 23.44 -1.72 0.30
C PHE A 64 23.14 -2.00 -1.15
N ARG A 65 22.55 -3.13 -1.40
CA ARG A 65 21.89 -3.55 -2.69
C ARG A 65 20.54 -2.93 -2.70
N ILE A 66 19.86 -2.85 -3.86
CA ILE A 66 18.44 -2.43 -3.92
C ILE A 66 17.61 -3.45 -4.66
N LEU A 67 16.44 -3.77 -4.16
CA LEU A 67 15.36 -4.44 -4.91
C LEU A 67 14.31 -3.48 -5.27
N GLY A 68 14.09 -3.23 -6.56
CA GLY A 68 12.97 -2.37 -6.98
C GLY A 68 11.72 -3.19 -7.26
N ALA A 69 10.57 -2.46 -7.29
CA ALA A 69 9.25 -2.99 -7.68
C ALA A 69 8.88 -4.26 -6.88
N PRO A 70 9.05 -4.24 -5.55
CA PRO A 70 8.75 -5.46 -4.79
C PRO A 70 7.34 -5.94 -4.75
N GLY A 71 6.39 -5.00 -4.99
CA GLY A 71 4.96 -5.31 -4.96
C GLY A 71 4.20 -4.92 -6.21
N SER A 72 4.90 -4.81 -7.30
CA SER A 72 4.33 -4.49 -8.56
C SER A 72 3.77 -5.67 -9.34
N LEU A 73 3.25 -5.42 -10.55
CA LEU A 73 2.45 -6.42 -11.29
C LEU A 73 3.35 -7.23 -12.19
N ARG A 74 2.96 -8.49 -12.36
CA ARG A 74 3.53 -9.26 -13.44
C ARG A 74 2.73 -9.12 -14.77
N LYS A 75 3.40 -9.50 -15.89
CA LYS A 75 2.83 -9.26 -17.22
C LYS A 75 1.62 -10.17 -17.47
N SER A 76 1.75 -11.41 -17.05
N SER A 76 1.74 -11.43 -17.11
CA SER A 76 0.67 -12.42 -17.30
CA SER A 76 0.67 -12.41 -17.47
C SER A 76 -0.59 -12.13 -16.53
C SER A 76 -0.53 -12.25 -16.56
N SER A 77 -1.72 -12.40 -17.14
CA SER A 77 -3.00 -12.36 -16.40
C SER A 77 -3.02 -13.43 -15.30
N ALA A 78 -2.48 -14.63 -15.57
CA ALA A 78 -2.70 -15.70 -14.70
C ALA A 78 -1.98 -15.50 -13.35
N ASP A 79 -0.80 -14.83 -13.36
CA ASP A 79 -0.12 -14.62 -12.06
C ASP A 79 0.12 -13.10 -11.91
N ARG A 80 -0.79 -12.29 -12.40
CA ARG A 80 -0.72 -10.82 -12.27
C ARG A 80 -0.25 -10.31 -10.94
N TYR A 81 -0.88 -10.88 -9.88
CA TYR A 81 -0.64 -10.40 -8.52
C TYR A 81 0.33 -11.30 -7.80
N GLY A 82 1.13 -12.08 -8.55
CA GLY A 82 2.05 -13.00 -7.90
C GLY A 82 3.02 -12.47 -6.89
N ARG A 83 3.53 -11.23 -7.07
N ARG A 83 3.50 -11.26 -7.17
CA ARG A 83 4.41 -10.66 -6.01
CA ARG A 83 4.49 -10.76 -6.34
C ARG A 83 3.67 -10.46 -4.75
C ARG A 83 3.80 -10.39 -4.98
N LEU A 84 2.48 -9.99 -4.88
CA LEU A 84 1.68 -9.80 -3.62
C LEU A 84 1.41 -11.15 -2.98
N ALA A 85 1.10 -12.17 -3.83
CA ALA A 85 0.88 -13.50 -3.24
C ALA A 85 2.13 -14.03 -2.54
N ARG A 86 3.32 -13.70 -3.08
CA ARG A 86 4.60 -14.11 -2.41
C ARG A 86 4.85 -13.36 -1.14
N HIS A 87 4.14 -12.28 -0.86
CA HIS A 87 4.24 -11.67 0.44
C HIS A 87 3.49 -12.46 1.57
N LEU A 88 2.61 -13.36 1.09
CA LEU A 88 1.60 -13.91 1.98
C LEU A 88 1.50 -15.42 2.00
N ALA A 89 2.40 -16.16 1.37
CA ALA A 89 2.32 -17.61 1.32
C ALA A 89 1.22 -18.10 0.49
N LEU A 90 0.64 -17.29 -0.35
CA LEU A 90 -0.42 -17.70 -1.28
C LEU A 90 0.13 -18.19 -2.62
N PRO A 91 -0.62 -19.12 -3.25
CA PRO A 91 -0.18 -19.41 -4.56
C PRO A 91 -0.01 -18.23 -5.54
N PRO A 92 0.92 -18.28 -6.46
CA PRO A 92 1.11 -17.10 -7.25
C PRO A 92 -0.01 -16.69 -8.22
N THR A 93 -0.92 -17.64 -8.47
CA THR A 93 -2.09 -17.39 -9.25
C THR A 93 -3.28 -16.88 -8.42
N ALA A 94 -3.03 -16.54 -7.15
CA ALA A 94 -4.10 -16.00 -6.28
C ALA A 94 -4.83 -14.79 -6.88
N SER A 95 -6.14 -14.73 -6.69
CA SER A 95 -6.83 -13.61 -7.13
C SER A 95 -6.77 -12.45 -6.14
N MET A 96 -7.16 -11.24 -6.59
CA MET A 96 -7.13 -10.20 -5.67
C MET A 96 -8.15 -10.40 -4.52
N ARG A 97 -9.28 -11.02 -4.80
CA ARG A 97 -10.24 -11.36 -3.74
C ARG A 97 -9.52 -12.20 -2.65
N GLU A 98 -8.75 -13.21 -3.11
CA GLU A 98 -8.07 -14.08 -2.17
C GLU A 98 -6.94 -13.35 -1.41
N ILE A 99 -6.23 -12.46 -2.05
CA ILE A 99 -5.21 -11.64 -1.32
C ILE A 99 -5.86 -10.77 -0.26
N LEU A 100 -6.91 -10.07 -0.66
CA LEU A 100 -7.56 -9.18 0.29
C LEU A 100 -8.27 -9.91 1.43
N ASP A 101 -8.84 -11.07 1.10
CA ASP A 101 -9.42 -11.91 2.18
C ASP A 101 -8.29 -12.35 3.12
N LYS A 102 -7.13 -12.68 2.62
CA LYS A 102 -6.04 -13.07 3.52
C LYS A 102 -5.64 -11.92 4.41
N MET A 103 -5.54 -10.70 3.86
CA MET A 103 -5.24 -9.52 4.65
C MET A 103 -6.29 -9.17 5.65
N LEU A 104 -7.59 -9.48 5.41
CA LEU A 104 -8.66 -9.28 6.33
C LEU A 104 -8.86 -10.43 7.39
N SER A 105 -8.21 -11.56 7.17
CA SER A 105 -8.57 -12.74 7.95
C SER A 105 -8.27 -12.58 9.43
N ALA A 106 -7.28 -11.80 9.79
CA ALA A 106 -6.92 -11.59 11.15
C ALA A 106 -7.85 -10.70 11.94
N SER A 107 -8.73 -9.99 11.23
N SER A 107 -8.71 -9.97 11.23
CA SER A 107 -9.65 -9.04 11.87
CA SER A 107 -9.59 -9.00 11.86
C SER A 107 -10.66 -9.75 12.81
C SER A 107 -10.43 -9.64 12.99
N ASP A 108 -10.92 -11.01 12.65
N ASP A 108 -10.90 -10.84 12.68
CA ASP A 108 -11.74 -11.61 13.74
CA ASP A 108 -11.77 -11.65 13.58
C ASP A 108 -11.05 -12.87 14.25
C ASP A 108 -11.05 -12.58 14.58
N MET A 109 -9.75 -12.71 14.45
CA MET A 109 -8.97 -13.68 15.18
C MET A 109 -8.28 -13.06 16.37
N PRO A 110 -7.98 -13.80 17.46
CA PRO A 110 -7.11 -13.33 18.46
C PRO A 110 -5.76 -12.96 17.89
N PRO A 111 -5.23 -11.81 18.31
CA PRO A 111 -3.84 -11.57 17.94
C PRO A 111 -2.92 -12.67 18.37
N ILE A 112 -1.81 -12.91 17.67
CA ILE A 112 -0.74 -13.74 18.06
C ILE A 112 0.47 -12.84 18.37
N PRO A 113 0.71 -12.50 19.62
CA PRO A 113 1.78 -11.57 19.86
C PRO A 113 3.17 -12.07 19.41
N PRO A 114 4.08 -11.17 19.22
CA PRO A 114 5.35 -11.55 18.78
C PRO A 114 6.26 -12.18 19.84
N THR A 115 7.25 -12.97 19.37
CA THR A 115 8.22 -13.65 20.26
C THR A 115 9.50 -12.88 20.24
N ILE A 116 10.07 -12.59 21.39
CA ILE A 116 11.39 -11.95 21.47
C ILE A 116 12.46 -12.99 21.41
N VAL A 117 13.43 -12.86 20.59
CA VAL A 117 14.58 -13.71 20.43
C VAL A 117 15.83 -12.89 20.66
N PRO A 118 16.95 -13.55 21.09
CA PRO A 118 18.05 -12.69 21.58
C PRO A 118 18.92 -12.06 20.46
N THR A 119 18.83 -12.58 19.24
CA THR A 119 19.56 -12.06 18.07
C THR A 119 18.94 -12.49 16.80
N GLY A 120 19.46 -11.93 15.72
CA GLY A 120 19.08 -12.34 14.37
C GLY A 120 19.91 -11.74 13.35
N PRO A 121 19.63 -12.07 12.06
CA PRO A 121 20.43 -11.55 11.01
C PRO A 121 20.63 -10.06 10.96
N CYS A 122 19.61 -9.32 11.38
CA CYS A 122 19.73 -7.89 11.38
C CYS A 122 20.85 -7.30 12.28
N LYS A 123 21.46 -8.17 13.14
CA LYS A 123 22.47 -7.75 14.03
C LYS A 123 23.82 -8.20 13.46
N GLU A 124 23.90 -8.69 12.30
CA GLU A 124 25.22 -9.12 11.74
C GLU A 124 26.25 -8.05 11.65
N ASN A 125 25.84 -6.80 11.42
CA ASN A 125 26.72 -5.63 11.33
C ASN A 125 26.09 -4.45 12.03
N SER A 126 26.93 -3.57 12.60
CA SER A 126 26.40 -2.38 13.19
C SER A 126 27.32 -1.22 12.93
N LEU A 127 26.77 -0.04 12.89
CA LEU A 127 27.46 1.26 12.78
C LEU A 127 26.89 2.18 13.83
N ASP A 128 27.81 2.62 14.73
CA ASP A 128 27.39 3.61 15.69
C ASP A 128 27.40 5.04 15.05
N ASP A 129 27.06 5.95 15.97
N ASP A 129 27.01 6.07 15.86
CA ASP A 129 26.90 7.35 15.71
CA ASP A 129 27.01 7.55 15.50
C ASP A 129 28.19 8.12 15.28
C ASP A 129 28.28 8.01 14.78
N SER A 130 29.35 7.46 15.28
CA SER A 130 30.68 7.95 14.75
C SER A 130 31.11 7.28 13.47
N GLU A 131 30.35 6.28 13.04
CA GLU A 131 30.74 5.46 11.92
C GLU A 131 29.90 5.47 10.69
N PHE A 132 28.72 6.05 10.74
CA PHE A 132 27.92 6.16 9.52
C PHE A 132 27.71 7.60 9.18
N ASP A 133 27.36 7.82 7.93
CA ASP A 133 26.94 9.14 7.47
C ASP A 133 25.92 8.87 6.43
N LEU A 134 24.68 9.33 6.65
CA LEU A 134 23.63 8.90 5.70
C LEU A 134 23.79 9.50 4.31
N THR A 135 24.56 10.63 4.21
CA THR A 135 24.86 11.27 2.90
C THR A 135 25.89 10.46 2.13
N GLU A 136 26.57 9.51 2.77
CA GLU A 136 27.61 8.74 2.14
C GLU A 136 27.09 7.34 1.72
N LEU A 137 25.85 6.95 1.98
CA LEU A 137 25.32 5.71 1.56
C LEU A 137 24.71 5.90 0.17
N PRO A 138 24.49 4.82 -0.58
CA PRO A 138 23.94 4.95 -1.94
C PRO A 138 22.44 5.09 -1.97
N VAL A 139 21.95 6.04 -1.23
CA VAL A 139 20.56 6.35 -1.23
C VAL A 139 20.08 6.84 -2.62
N PRO A 140 18.97 6.40 -3.08
CA PRO A 140 18.57 6.74 -4.42
C PRO A 140 17.99 8.14 -4.52
N LEU A 141 18.25 8.79 -5.66
CA LEU A 141 17.44 9.90 -6.13
C LEU A 141 16.48 9.19 -7.06
N ILE A 142 15.17 9.27 -6.74
CA ILE A 142 14.14 8.41 -7.39
C ILE A 142 13.59 9.10 -8.65
N HIS A 143 13.35 10.43 -8.55
CA HIS A 143 12.82 11.24 -9.60
C HIS A 143 13.73 12.48 -9.72
N LYS A 144 13.87 12.97 -10.95
N LYS A 144 13.91 12.98 -10.92
CA LYS A 144 14.88 14.01 -11.20
CA LYS A 144 14.95 14.02 -11.05
C LYS A 144 14.65 15.31 -10.44
C LYS A 144 14.67 15.31 -10.30
N SER A 145 13.39 15.69 -10.12
CA SER A 145 13.00 16.87 -9.32
C SER A 145 12.78 16.63 -7.85
N ASP A 146 13.04 15.40 -7.36
CA ASP A 146 12.84 15.17 -5.92
C ASP A 146 13.66 16.13 -5.11
N GLY A 147 13.16 16.49 -3.95
CA GLY A 147 13.85 17.44 -3.04
C GLY A 147 14.85 16.80 -2.12
N GLY A 148 15.08 15.49 -2.26
CA GLY A 148 16.08 14.81 -1.46
C GLY A 148 16.20 13.39 -1.96
N LYS A 149 17.09 12.63 -1.33
N LYS A 149 17.11 12.65 -1.33
CA LYS A 149 17.28 11.25 -1.65
CA LYS A 149 17.39 11.28 -1.59
C LYS A 149 16.44 10.41 -0.71
C LYS A 149 16.41 10.47 -0.68
N TYR A 150 15.44 9.76 -1.28
CA TYR A 150 14.41 9.08 -0.51
C TYR A 150 14.84 7.69 -0.19
N ILE A 151 15.48 7.57 0.95
CA ILE A 151 15.92 6.29 1.56
C ILE A 151 14.77 5.38 1.82
N GLN A 152 13.68 6.01 2.22
CA GLN A 152 12.52 5.33 2.77
C GLN A 152 11.29 5.44 1.89
N THR A 153 11.05 4.38 1.15
CA THR A 153 9.86 4.16 0.31
C THR A 153 9.15 2.85 0.66
N TYR A 154 9.85 1.86 1.23
CA TYR A 154 9.23 0.54 1.42
C TYR A 154 9.74 -0.13 2.70
N GLY A 155 10.25 0.68 3.61
CA GLY A 155 10.52 0.17 4.96
C GLY A 155 9.37 0.47 5.90
N MET A 156 9.54 -0.06 7.13
N MET A 156 9.46 -0.05 7.12
CA MET A 156 8.54 -0.14 8.19
CA MET A 156 8.39 0.06 8.10
C MET A 156 8.95 0.84 9.34
C MET A 156 8.89 0.83 9.32
N HIS A 157 8.20 1.94 9.59
CA HIS A 157 8.41 2.74 10.79
C HIS A 157 7.76 1.97 11.98
N ILE A 158 8.46 1.99 13.10
CA ILE A 158 8.02 1.38 14.37
C ILE A 158 7.96 2.52 15.41
N VAL A 159 6.77 2.79 15.93
CA VAL A 159 6.60 3.72 17.06
C VAL A 159 5.61 3.11 17.98
N GLN A 160 5.67 3.48 19.25
CA GLN A 160 4.83 2.90 20.33
C GLN A 160 4.17 4.09 21.07
N SER A 161 2.94 3.87 21.50
CA SER A 161 2.24 4.83 22.33
C SER A 161 3.01 5.05 23.63
N PRO A 162 2.99 6.23 24.25
CA PRO A 162 3.72 6.47 25.53
C PRO A 162 3.40 5.40 26.59
N ASP A 163 2.19 4.93 26.65
CA ASP A 163 1.78 3.92 27.63
C ASP A 163 2.20 2.49 27.33
N GLY A 164 2.81 2.34 26.16
CA GLY A 164 3.34 0.97 25.82
C GLY A 164 2.32 0.06 25.22
N THR A 165 1.05 0.42 25.21
CA THR A 165 -0.01 -0.55 24.83
C THR A 165 -0.26 -0.79 23.38
N TRP A 166 0.22 0.10 22.53
CA TRP A 166 0.04 -0.04 21.06
C TRP A 166 1.39 0.23 20.44
N THR A 167 1.83 -0.74 19.62
CA THR A 167 3.04 -0.57 18.80
C THR A 167 2.60 -0.60 17.30
N ASN A 168 2.79 0.47 16.60
CA ASN A 168 2.34 0.63 15.23
C ASN A 168 3.48 0.41 14.26
N TRP A 169 3.17 -0.33 13.19
CA TRP A 169 4.02 -0.51 12.00
C TRP A 169 3.34 0.10 10.77
N SER A 170 4.09 0.96 10.09
CA SER A 170 3.45 1.59 8.91
C SER A 170 4.54 2.06 7.94
N ILE A 171 4.16 2.25 6.71
CA ILE A 171 5.03 2.84 5.69
C ILE A 171 4.69 4.33 5.59
N ALA A 172 5.71 5.17 5.65
CA ALA A 172 5.59 6.62 5.35
C ALA A 172 6.91 7.09 4.80
N ARG A 173 6.95 7.92 3.75
CA ARG A 173 8.17 8.22 3.08
C ARG A 173 9.11 9.07 3.96
N ALA A 174 10.39 8.91 3.67
CA ALA A 174 11.38 9.76 4.33
C ALA A 174 12.61 9.87 3.45
N MET A 175 13.28 11.05 3.54
CA MET A 175 14.47 11.39 2.74
C MET A 175 15.59 11.77 3.74
N VAL A 176 16.81 11.68 3.21
CA VAL A 176 17.97 12.11 3.97
C VAL A 176 18.07 13.65 4.12
N HIS A 177 18.18 14.09 5.35
CA HIS A 177 18.33 15.53 5.67
C HIS A 177 19.84 15.86 5.82
N ASP A 178 20.53 15.06 6.57
CA ASP A 178 21.98 15.27 6.74
C ASP A 178 22.59 14.02 7.22
N LYS A 179 23.83 14.06 7.75
CA LYS A 179 24.50 12.79 8.08
C LYS A 179 23.76 11.89 9.05
N ASN A 180 22.96 12.41 9.92
CA ASN A 180 22.28 11.62 10.93
C ASN A 180 20.80 11.98 11.12
N HIS A 181 20.14 12.58 10.10
CA HIS A 181 18.75 12.83 10.21
C HIS A 181 18.07 12.56 8.88
N LEU A 182 16.79 12.20 9.01
CA LEU A 182 15.85 12.19 7.90
C LEU A 182 14.74 13.21 8.14
N THR A 183 14.10 13.60 7.02
CA THR A 183 12.84 14.20 7.12
C THR A 183 11.76 13.39 6.41
N GLY A 184 10.51 13.50 6.81
CA GLY A 184 9.47 12.63 6.15
C GLY A 184 8.11 13.18 6.38
N LEU A 185 7.11 12.51 5.78
N LEU A 185 7.12 12.48 5.85
CA LEU A 185 5.69 12.81 6.04
CA LEU A 185 5.75 12.92 5.83
C LEU A 185 5.20 12.11 7.24
C LEU A 185 5.07 12.18 7.01
N VAL A 186 4.58 12.93 8.04
CA VAL A 186 3.85 12.45 9.23
C VAL A 186 2.61 13.30 9.28
N ILE A 187 1.48 12.78 8.74
CA ILE A 187 0.29 13.59 8.55
C ILE A 187 -0.96 12.89 9.11
N PRO A 188 -1.93 13.67 9.55
CA PRO A 188 -3.16 13.08 9.98
C PRO A 188 -3.92 12.50 8.83
N PRO A 189 -4.68 11.40 9.04
CA PRO A 189 -4.98 10.74 10.34
C PRO A 189 -4.08 9.51 10.55
N GLN A 190 -2.87 9.47 9.98
CA GLN A 190 -2.08 8.27 10.00
C GLN A 190 -1.66 7.91 11.41
N HIS A 191 -1.47 6.65 11.65
CA HIS A 191 -1.14 6.15 13.02
C HIS A 191 0.22 6.69 13.46
N ILE A 192 1.21 6.87 12.59
CA ILE A 192 2.47 7.47 13.05
C ILE A 192 2.23 8.88 13.57
N TRP A 193 1.34 9.62 12.91
CA TRP A 193 0.94 10.91 13.38
C TRP A 193 0.15 10.88 14.64
N GLN A 194 -0.78 9.96 14.75
CA GLN A 194 -1.58 9.82 15.99
C GLN A 194 -0.65 9.57 17.20
N ILE A 195 0.28 8.66 17.06
CA ILE A 195 1.20 8.37 18.11
C ILE A 195 2.11 9.56 18.37
N HIS A 196 2.63 10.23 17.33
N HIS A 196 2.62 10.24 17.33
CA HIS A 196 3.46 11.38 17.53
CA HIS A 196 3.43 11.39 17.46
C HIS A 196 2.68 12.40 18.41
C HIS A 196 2.72 12.43 18.33
N GLN A 197 1.39 12.61 18.11
CA GLN A 197 0.62 13.59 18.85
C GLN A 197 0.56 13.22 20.37
N MET A 198 0.46 11.92 20.63
CA MET A 198 0.44 11.49 22.02
C MET A 198 1.72 11.91 22.73
N TRP A 199 2.89 11.70 22.12
CA TRP A 199 4.14 12.09 22.71
C TRP A 199 4.28 13.61 22.77
N LYS A 200 3.81 14.31 21.77
N LYS A 200 3.82 14.29 21.72
CA LYS A 200 3.90 15.77 21.93
CA LYS A 200 3.84 15.77 21.83
C LYS A 200 3.02 16.29 23.04
C LYS A 200 3.05 16.27 23.02
N LYS A 201 1.84 15.77 23.26
CA LYS A 201 1.02 16.18 24.39
C LYS A 201 1.64 15.83 25.71
N GLU A 202 2.28 14.69 25.79
CA GLU A 202 3.05 14.41 26.99
C GLU A 202 4.22 15.37 27.24
N GLY A 203 4.88 15.74 26.15
CA GLY A 203 5.86 16.80 26.14
C GLY A 203 7.21 16.58 26.78
N ARG A 204 7.50 15.37 27.18
CA ARG A 204 8.64 15.01 28.00
C ARG A 204 9.83 14.61 27.07
N SER A 205 9.62 13.94 25.93
N SER A 205 9.60 14.00 25.89
CA SER A 205 10.77 13.47 25.12
CA SER A 205 10.61 13.07 25.27
C SER A 205 10.36 13.24 23.71
C SER A 205 10.33 13.10 23.75
N ASP A 206 11.38 13.14 22.91
CA ASP A 206 11.19 12.75 21.50
C ASP A 206 10.71 11.28 21.50
N VAL A 207 10.13 10.85 20.37
CA VAL A 207 9.55 9.55 20.24
C VAL A 207 10.56 8.48 19.91
N PRO A 208 10.70 7.46 20.80
CA PRO A 208 11.57 6.41 20.37
C PRO A 208 11.09 5.79 19.06
N TRP A 209 12.03 5.51 18.18
CA TRP A 209 11.67 5.17 16.80
C TRP A 209 12.68 4.17 16.28
N ALA A 210 12.18 3.34 15.37
CA ALA A 210 13.02 2.49 14.50
C ALA A 210 12.39 2.49 13.08
N LEU A 211 13.24 2.28 12.12
CA LEU A 211 12.78 2.10 10.71
C LEU A 211 13.53 0.91 10.20
N ALA A 212 12.76 -0.11 9.84
CA ALA A 212 13.27 -1.42 9.42
C ALA A 212 12.96 -1.65 7.94
N PHE A 213 13.97 -1.90 7.17
CA PHE A 213 13.86 -2.09 5.73
C PHE A 213 14.05 -3.61 5.45
N GLY A 214 13.34 -4.15 4.45
CA GLY A 214 13.49 -5.53 4.17
C GLY A 214 12.94 -6.33 5.30
N VAL A 215 11.76 -5.97 5.83
CA VAL A 215 11.12 -6.74 6.86
C VAL A 215 10.43 -7.96 6.27
N PRO A 216 9.86 -8.85 7.13
CA PRO A 216 9.03 -9.90 6.60
C PRO A 216 7.96 -9.41 5.66
N PRO A 217 7.85 -9.98 4.46
CA PRO A 217 6.86 -9.48 3.53
C PRO A 217 5.46 -9.43 4.11
N ALA A 218 5.03 -10.36 4.92
CA ALA A 218 3.67 -10.27 5.48
C ALA A 218 3.52 -8.99 6.32
N ALA A 219 4.60 -8.62 7.03
CA ALA A 219 4.61 -7.44 7.85
C ALA A 219 4.55 -6.12 7.04
N ILE A 220 5.26 -6.08 5.90
CA ILE A 220 5.18 -4.84 5.10
C ILE A 220 3.78 -4.68 4.51
N MET A 221 3.10 -5.79 4.16
N MET A 221 3.10 -5.82 4.17
CA MET A 221 1.73 -5.62 3.73
CA MET A 221 1.69 -5.74 3.73
C MET A 221 0.81 -5.07 4.78
C MET A 221 0.78 -5.13 4.79
N ALA A 222 0.92 -5.59 6.02
CA ALA A 222 0.10 -4.99 7.10
C ALA A 222 0.52 -3.53 7.40
N SER A 223 1.82 -3.23 7.18
CA SER A 223 2.30 -1.88 7.40
C SER A 223 1.62 -0.92 6.43
N SER A 224 1.17 -1.37 5.26
CA SER A 224 0.49 -0.56 4.26
C SER A 224 -1.00 -0.53 4.33
N MET A 225 -1.56 -1.25 5.33
CA MET A 225 -2.97 -1.45 5.51
C MET A 225 -3.52 -0.63 6.66
N PRO A 226 -4.69 0.01 6.51
CA PRO A 226 -5.28 0.78 7.64
C PRO A 226 -6.06 -0.08 8.55
N ILE A 227 -5.38 -0.98 9.25
CA ILE A 227 -6.03 -1.76 10.32
C ILE A 227 -6.44 -0.82 11.44
N PRO A 228 -7.29 -1.22 12.38
CA PRO A 228 -7.87 -0.24 13.29
C PRO A 228 -6.92 0.47 14.26
N ASP A 229 -7.35 1.65 14.68
CA ASP A 229 -6.69 2.38 15.74
C ASP A 229 -6.38 1.47 16.94
N GLY A 230 -5.18 1.52 17.51
CA GLY A 230 -4.87 0.78 18.71
C GLY A 230 -4.47 -0.60 18.49
N VAL A 231 -4.47 -1.11 17.25
CA VAL A 231 -4.16 -2.46 17.01
C VAL A 231 -2.68 -2.57 16.61
N THR A 232 -1.98 -3.43 17.33
CA THR A 232 -0.63 -3.64 17.06
C THR A 232 -0.40 -4.52 15.86
N GLU A 233 0.20 -3.99 14.82
CA GLU A 233 0.33 -4.80 13.56
C GLU A 233 1.02 -6.07 13.78
N ALA A 234 2.03 -6.18 14.69
CA ALA A 234 2.75 -7.48 14.83
C ALA A 234 1.79 -8.60 15.18
N GLY A 235 0.85 -8.38 16.05
CA GLY A 235 -0.09 -9.43 16.48
C GLY A 235 -1.11 -9.78 15.42
N TYR A 236 -1.44 -8.79 14.56
CA TYR A 236 -2.36 -9.01 13.42
C TYR A 236 -1.66 -9.86 12.39
N VAL A 237 -0.38 -9.54 12.07
CA VAL A 237 0.40 -10.39 11.18
C VAL A 237 0.62 -11.76 11.73
N GLY A 238 0.85 -11.85 13.04
CA GLY A 238 0.90 -13.15 13.65
C GLY A 238 -0.33 -13.99 13.38
N ALA A 239 -1.49 -13.39 13.64
CA ALA A 239 -2.74 -14.09 13.46
C ALA A 239 -2.93 -14.45 12.01
N MET A 240 -2.61 -13.60 11.07
CA MET A 240 -2.86 -13.75 9.60
C MET A 240 -1.96 -14.89 9.16
N THR A 241 -0.75 -15.02 9.61
CA THR A 241 0.17 -16.00 9.12
C THR A 241 0.13 -17.27 10.02
N GLY A 242 -0.54 -17.23 11.11
CA GLY A 242 -0.57 -18.40 12.03
C GLY A 242 0.65 -18.63 12.82
N SER A 243 1.57 -17.66 12.89
CA SER A 243 2.76 -17.87 13.61
C SER A 243 3.18 -16.57 14.24
N SER A 244 3.72 -16.65 15.43
CA SER A 244 4.26 -15.54 16.11
C SER A 244 5.54 -14.97 15.49
N LEU A 245 5.53 -13.69 15.14
CA LEU A 245 6.78 -13.11 14.52
C LEU A 245 7.90 -13.01 15.51
N GLU A 246 9.11 -13.32 15.03
CA GLU A 246 10.27 -13.18 15.92
C GLU A 246 10.89 -11.79 15.79
N LEU A 247 10.99 -11.12 16.91
CA LEU A 247 11.57 -9.82 17.00
C LEU A 247 12.82 -9.78 17.87
N VAL A 248 13.71 -8.83 17.59
N VAL A 248 13.70 -8.79 17.64
CA VAL A 248 14.87 -8.56 18.47
CA VAL A 248 14.93 -8.59 18.46
C VAL A 248 14.89 -7.14 18.95
C VAL A 248 14.95 -7.15 18.93
N LYS A 249 15.35 -6.92 20.18
CA LYS A 249 15.37 -5.53 20.67
C LYS A 249 16.43 -4.69 19.95
N CYS A 250 16.08 -3.45 19.70
CA CYS A 250 17.01 -2.44 19.26
C CYS A 250 18.14 -2.32 20.30
N ASP A 251 19.29 -1.97 19.79
CA ASP A 251 20.46 -1.73 20.75
C ASP A 251 20.38 -0.48 21.57
N THR A 252 19.84 0.59 21.00
CA THR A 252 19.82 1.86 21.63
C THR A 252 18.50 2.33 22.16
N ASN A 253 17.43 1.50 21.96
CA ASN A 253 16.13 1.78 22.62
C ASN A 253 15.48 0.46 22.86
N ASP A 254 14.28 0.50 23.41
CA ASP A 254 13.53 -0.64 23.82
C ASP A 254 12.43 -1.11 22.84
N LEU A 255 12.51 -0.63 21.59
CA LEU A 255 11.60 -1.14 20.55
C LEU A 255 12.20 -2.44 20.02
N TYR A 256 11.31 -3.19 19.39
CA TYR A 256 11.63 -4.47 18.82
C TYR A 256 11.42 -4.51 17.33
N VAL A 257 12.40 -5.06 16.61
CA VAL A 257 12.37 -5.04 15.18
C VAL A 257 12.36 -6.48 14.67
N PRO A 258 11.83 -6.77 13.47
CA PRO A 258 11.89 -8.14 12.97
C PRO A 258 13.36 -8.63 12.92
N ALA A 259 13.51 -9.87 13.37
CA ALA A 259 14.86 -10.47 13.50
C ALA A 259 15.64 -10.53 12.21
N THR A 260 14.91 -10.75 11.08
CA THR A 260 15.52 -10.88 9.77
C THR A 260 15.47 -9.56 8.94
N SER A 261 15.20 -8.42 9.58
CA SER A 261 15.24 -7.15 8.87
C SER A 261 16.59 -7.00 8.13
N GLU A 262 16.59 -6.55 6.90
CA GLU A 262 17.82 -6.32 6.17
C GLU A 262 18.66 -5.16 6.75
N ILE A 263 17.98 -4.05 7.08
CA ILE A 263 18.59 -2.81 7.58
C ILE A 263 17.75 -2.20 8.63
N VAL A 264 18.28 -1.80 9.75
CA VAL A 264 17.54 -1.16 10.81
C VAL A 264 18.16 0.20 11.19
N LEU A 265 17.38 1.27 11.16
CA LEU A 265 17.79 2.56 11.76
C LEU A 265 17.12 2.65 13.08
N GLU A 266 17.88 3.06 14.10
CA GLU A 266 17.33 3.33 15.43
C GLU A 266 17.48 4.78 15.77
N GLY A 267 16.52 5.40 16.41
CA GLY A 267 16.77 6.78 16.83
C GLY A 267 15.49 7.32 17.38
N THR A 268 15.20 8.62 17.01
CA THR A 268 14.08 9.30 17.60
C THR A 268 13.37 10.12 16.53
N LEU A 269 12.06 10.26 16.66
CA LEU A 269 11.22 11.16 15.89
C LEU A 269 10.99 12.42 16.78
N SER A 270 11.34 13.59 16.30
CA SER A 270 11.34 14.77 17.19
C SER A 270 9.91 15.13 17.43
N ILE A 271 9.65 15.58 18.64
CA ILE A 271 8.41 16.27 18.97
C ILE A 271 8.48 17.78 18.83
N SER A 272 9.65 18.33 18.48
CA SER A 272 9.75 19.78 18.32
C SER A 272 10.32 20.24 17.00
N GLU A 273 11.20 19.50 16.37
CA GLU A 273 12.02 19.98 15.25
C GLU A 273 11.31 19.55 13.92
N THR A 274 11.48 20.31 12.87
CA THR A 274 11.05 20.02 11.53
C THR A 274 12.21 20.33 10.61
N GLY A 275 12.10 19.82 9.37
CA GLY A 275 13.04 20.21 8.33
C GLY A 275 12.45 20.08 6.95
N PRO A 276 13.10 20.62 5.93
CA PRO A 276 12.57 20.59 4.59
C PRO A 276 12.34 19.15 4.16
N GLU A 277 11.21 18.98 3.52
CA GLU A 277 10.82 17.66 3.00
C GLU A 277 10.09 17.86 1.65
N GLY A 278 10.42 16.95 0.74
CA GLY A 278 9.80 16.99 -0.57
C GLY A 278 10.40 18.05 -1.48
N PRO A 279 9.91 18.25 -2.66
CA PRO A 279 8.85 17.44 -3.19
C PRO A 279 9.35 16.05 -3.59
N PHE A 280 8.28 15.26 -3.86
CA PHE A 280 8.50 13.89 -4.27
C PHE A 280 7.53 13.46 -5.38
N GLY A 281 8.01 12.58 -6.25
CA GLY A 281 7.13 12.01 -7.29
C GLY A 281 6.21 10.97 -6.72
N GLU A 282 4.94 11.37 -6.60
CA GLU A 282 4.00 10.67 -5.69
C GLU A 282 3.04 9.73 -6.48
N MET A 283 2.26 9.02 -5.66
CA MET A 283 1.36 7.98 -6.07
C MET A 283 0.41 8.40 -7.16
N HIS A 284 -0.04 9.64 -7.23
CA HIS A 284 -1.00 10.00 -8.24
C HIS A 284 -0.40 10.31 -9.61
N GLY A 285 0.95 10.26 -9.67
CA GLY A 285 1.64 10.38 -10.95
C GLY A 285 2.34 11.70 -11.19
N TYR A 286 2.53 12.56 -10.21
CA TYR A 286 3.06 13.92 -10.40
C TYR A 286 4.13 14.22 -9.45
N ILE A 287 5.00 15.17 -9.81
CA ILE A 287 5.83 15.93 -8.88
C ILE A 287 5.74 17.40 -9.20
N PHE A 288 5.60 18.23 -8.20
CA PHE A 288 5.53 19.67 -8.29
C PHE A 288 6.92 20.23 -7.88
N PRO A 289 7.77 20.48 -8.87
CA PRO A 289 9.15 20.91 -8.51
C PRO A 289 9.19 22.07 -7.63
N GLY A 290 10.12 22.06 -6.73
CA GLY A 290 10.21 23.15 -5.85
C GLY A 290 9.16 23.20 -4.71
N ASP A 291 8.07 22.39 -4.71
CA ASP A 291 7.07 22.38 -3.59
C ASP A 291 7.69 21.66 -2.44
N THR A 292 8.57 22.34 -1.73
CA THR A 292 9.12 21.82 -0.40
C THR A 292 8.33 22.43 0.79
N HIS A 293 8.12 21.63 1.81
CA HIS A 293 7.41 22.07 2.99
C HIS A 293 8.10 21.47 4.17
N LEU A 294 7.88 21.95 5.36
CA LEU A 294 8.48 21.39 6.54
C LEU A 294 7.81 20.02 6.83
N GLY A 295 8.65 19.05 7.13
CA GLY A 295 8.19 17.72 7.57
C GLY A 295 8.79 17.35 8.87
N ALA A 296 8.32 16.20 9.36
CA ALA A 296 8.83 15.64 10.58
C ALA A 296 10.34 15.34 10.45
N LYS A 297 11.07 15.35 11.55
CA LYS A 297 12.54 15.18 11.56
C LYS A 297 12.86 14.01 12.47
N TYR A 298 13.61 13.09 11.91
CA TYR A 298 14.10 11.89 12.58
C TYR A 298 15.58 11.95 12.81
N LYS A 299 16.05 11.60 13.98
CA LYS A 299 17.44 11.46 14.26
C LYS A 299 17.87 10.00 14.28
N VAL A 300 18.93 9.68 13.53
CA VAL A 300 19.37 8.31 13.49
C VAL A 300 20.61 8.15 14.40
N ASN A 301 20.58 7.21 15.40
CA ASN A 301 21.62 6.99 16.37
C ASN A 301 22.45 5.79 16.08
N ARG A 302 21.92 4.83 15.30
CA ARG A 302 22.54 3.54 15.07
C ARG A 302 21.93 2.96 13.79
N ILE A 303 22.77 2.19 13.13
CA ILE A 303 22.36 1.33 11.98
C ILE A 303 22.78 -0.05 12.25
N THR A 304 21.89 -1.04 12.12
CA THR A 304 22.32 -2.44 12.10
C THR A 304 21.86 -3.13 10.80
N TYR A 305 22.54 -4.15 10.30
CA TYR A 305 22.15 -4.62 9.05
C TYR A 305 22.66 -6.04 8.83
N ARG A 306 21.98 -6.79 7.99
CA ARG A 306 22.45 -8.05 7.49
C ARG A 306 23.69 -7.90 6.62
N ASN A 307 24.52 -8.99 6.64
CA ASN A 307 25.52 -9.10 5.61
C ASN A 307 24.88 -9.05 4.20
N ASN A 308 25.46 -8.28 3.30
CA ASN A 308 24.94 -8.15 1.93
C ASN A 308 23.47 -7.64 1.88
N ALA A 309 23.25 -6.72 2.79
CA ALA A 309 21.91 -6.10 2.94
C ALA A 309 21.32 -5.60 1.62
N ILE A 310 20.01 -5.83 1.57
CA ILE A 310 19.20 -5.35 0.42
C ILE A 310 18.12 -4.36 0.93
N MET A 311 18.13 -3.18 0.31
CA MET A 311 17.09 -2.15 0.53
C MET A 311 16.00 -2.28 -0.56
N PRO A 312 14.74 -2.55 -0.15
CA PRO A 312 13.69 -2.43 -1.12
C PRO A 312 13.38 -0.96 -1.41
N MET A 313 12.94 -0.73 -2.66
CA MET A 313 12.61 0.63 -3.16
C MET A 313 11.43 0.63 -4.06
N SER A 314 10.50 1.56 -3.83
CA SER A 314 9.35 1.77 -4.71
C SER A 314 9.65 3.02 -5.56
N SER A 315 9.65 2.88 -6.88
CA SER A 315 9.85 4.01 -7.77
C SER A 315 8.42 4.47 -8.12
N CYS A 316 7.80 5.33 -7.36
N CYS A 316 7.79 5.26 -7.20
CA CYS A 316 6.42 5.42 -7.60
CA CYS A 316 6.35 5.65 -7.21
C CYS A 316 6.03 6.58 -8.48
C CYS A 316 6.02 6.60 -8.39
N GLY A 317 4.80 6.50 -8.98
CA GLY A 317 4.31 7.50 -9.91
C GLY A 317 3.13 6.96 -10.68
N ARG A 318 3.20 7.11 -12.00
CA ARG A 318 2.17 6.58 -12.85
C ARG A 318 2.17 5.04 -12.84
N LEU A 319 0.99 4.52 -13.26
CA LEU A 319 0.71 3.07 -13.12
C LEU A 319 1.88 2.23 -13.64
N THR A 320 2.16 1.07 -12.98
CA THR A 320 1.59 0.52 -11.74
C THR A 320 2.70 0.21 -10.77
N ASP A 321 2.57 0.65 -9.53
CA ASP A 321 3.56 0.34 -8.53
C ASP A 321 2.89 0.01 -7.20
N GLU A 322 3.69 -0.04 -6.14
CA GLU A 322 3.23 -0.45 -4.82
C GLU A 322 2.21 0.53 -4.26
N THR A 323 2.35 1.83 -4.64
CA THR A 323 1.39 2.82 -4.18
C THR A 323 0.04 2.59 -4.71
N HIS A 324 -0.12 1.80 -5.78
CA HIS A 324 -1.42 1.47 -6.35
C HIS A 324 -1.83 0.06 -5.89
N THR A 325 -0.95 -0.92 -6.01
CA THR A 325 -1.35 -2.29 -5.71
C THR A 325 -1.57 -2.53 -4.24
N MET A 326 -0.82 -1.86 -3.40
CA MET A 326 -0.92 -2.01 -1.93
C MET A 326 -1.73 -0.91 -1.31
N ILE A 327 -1.47 0.37 -1.57
CA ILE A 327 -2.25 1.37 -0.87
C ILE A 327 -3.70 1.24 -1.22
N GLY A 328 -4.01 1.23 -2.55
CA GLY A 328 -5.39 1.23 -2.98
C GLY A 328 -6.08 -0.04 -2.57
N SER A 329 -5.52 -1.20 -2.87
CA SER A 329 -6.18 -2.47 -2.60
C SER A 329 -6.39 -2.72 -1.14
N LEU A 330 -5.43 -2.38 -0.31
CA LEU A 330 -5.54 -2.65 1.12
C LEU A 330 -6.56 -1.70 1.78
N ALA A 331 -6.60 -0.44 1.31
CA ALA A 331 -7.64 0.51 1.78
C ALA A 331 -9.01 -0.06 1.39
N ALA A 332 -9.15 -0.54 0.14
CA ALA A 332 -10.38 -1.09 -0.30
C ALA A 332 -10.84 -2.27 0.58
N ALA A 333 -9.91 -3.13 0.89
CA ALA A 333 -10.21 -4.28 1.77
C ALA A 333 -10.81 -3.83 3.09
N GLU A 334 -10.11 -2.85 3.72
CA GLU A 334 -10.57 -2.39 5.00
C GLU A 334 -11.89 -1.68 4.87
N ILE A 335 -12.16 -0.95 3.79
CA ILE A 335 -13.45 -0.33 3.57
C ILE A 335 -14.55 -1.38 3.35
N ARG A 336 -14.29 -2.49 2.71
CA ARG A 336 -15.26 -3.56 2.56
C ARG A 336 -15.71 -4.03 3.93
N LYS A 337 -14.73 -4.35 4.81
CA LYS A 337 -15.05 -4.80 6.16
C LYS A 337 -15.80 -3.73 6.95
N LEU A 338 -15.38 -2.51 6.85
CA LEU A 338 -15.97 -1.38 7.59
C LEU A 338 -17.47 -1.30 7.18
N CYS A 339 -17.75 -1.37 5.88
CA CYS A 339 -19.15 -1.33 5.46
C CYS A 339 -19.93 -2.47 6.03
N GLN A 340 -19.42 -3.68 5.97
CA GLN A 340 -20.14 -4.82 6.51
C GLN A 340 -20.41 -4.72 8.03
N GLN A 341 -19.41 -4.16 8.73
CA GLN A 341 -19.61 -4.01 10.16
C GLN A 341 -20.60 -2.91 10.51
N ASN A 342 -20.94 -2.02 9.57
CA ASN A 342 -21.94 -1.01 9.65
C ASN A 342 -23.28 -1.45 9.05
N ASP A 343 -23.42 -2.75 8.84
CA ASP A 343 -24.63 -3.38 8.34
C ASP A 343 -25.00 -2.93 6.93
N LEU A 344 -23.99 -2.54 6.11
CA LEU A 344 -24.21 -2.19 4.74
C LEU A 344 -23.98 -3.46 3.91
N PRO A 345 -24.77 -3.68 2.88
CA PRO A 345 -24.72 -4.95 2.07
C PRO A 345 -23.64 -4.96 1.01
N ILE A 346 -22.43 -4.77 1.42
CA ILE A 346 -21.27 -4.71 0.52
C ILE A 346 -20.63 -6.05 0.50
N THR A 347 -20.37 -6.62 -0.68
CA THR A 347 -19.75 -7.90 -0.82
C THR A 347 -18.26 -7.81 -1.11
N ASP A 348 -17.86 -6.76 -1.84
CA ASP A 348 -16.49 -6.64 -2.40
C ASP A 348 -16.17 -5.19 -2.59
N ALA A 349 -14.88 -4.87 -2.51
CA ALA A 349 -14.44 -3.51 -2.78
C ALA A 349 -13.02 -3.59 -3.42
N PHE A 350 -12.78 -2.63 -4.37
CA PHE A 350 -11.47 -2.55 -4.96
C PHE A 350 -11.28 -1.11 -5.46
N ALA A 351 -10.05 -0.65 -5.44
CA ALA A 351 -9.75 0.71 -5.97
C ALA A 351 -9.25 0.57 -7.39
N PRO A 352 -10.03 0.94 -8.42
CA PRO A 352 -9.61 0.71 -9.78
C PRO A 352 -8.30 1.37 -10.08
N PHE A 353 -7.36 0.68 -10.72
CA PHE A 353 -6.10 1.32 -11.10
C PHE A 353 -6.40 2.46 -12.04
N GLU A 354 -7.38 2.36 -12.90
CA GLU A 354 -7.73 3.39 -13.85
C GLU A 354 -8.01 4.76 -13.21
N SER A 355 -8.51 4.67 -11.98
CA SER A 355 -8.81 5.86 -11.20
C SER A 355 -7.62 6.43 -10.42
N GLN A 356 -6.41 5.86 -10.69
CA GLN A 356 -5.22 6.24 -10.00
C GLN A 356 -5.47 6.00 -8.50
N VAL A 357 -6.20 4.90 -8.22
CA VAL A 357 -6.61 4.45 -6.87
C VAL A 357 -7.27 5.53 -6.01
N THR A 358 -7.94 6.46 -6.66
CA THR A 358 -8.71 7.49 -5.96
C THR A 358 -10.22 7.13 -5.85
N TRP A 359 -10.64 6.08 -6.58
CA TRP A 359 -11.98 5.59 -6.41
C TRP A 359 -11.94 4.23 -5.73
N VAL A 360 -13.06 3.92 -5.03
CA VAL A 360 -13.29 2.52 -4.63
C VAL A 360 -14.66 2.11 -5.18
N ALA A 361 -14.72 1.00 -5.88
CA ALA A 361 -16.01 0.41 -6.33
C ALA A 361 -16.46 -0.58 -5.27
N LEU A 362 -17.68 -0.40 -4.85
CA LEU A 362 -18.34 -1.26 -3.83
C LEU A 362 -19.45 -2.12 -4.48
N ARG A 363 -19.26 -3.41 -4.49
CA ARG A 363 -20.27 -4.35 -5.00
C ARG A 363 -21.31 -4.60 -3.99
N VAL A 364 -22.54 -4.37 -4.35
CA VAL A 364 -23.71 -4.42 -3.45
C VAL A 364 -24.46 -5.73 -3.68
N ASP A 365 -24.80 -6.41 -2.57
CA ASP A 365 -25.75 -7.53 -2.57
C ASP A 365 -27.15 -6.95 -2.69
N THR A 366 -27.65 -6.97 -3.90
CA THR A 366 -28.87 -6.24 -4.13
C THR A 366 -30.12 -6.97 -3.55
N GLU A 367 -30.04 -8.25 -3.33
CA GLU A 367 -31.13 -8.89 -2.58
C GLU A 367 -31.30 -8.24 -1.19
N LYS A 368 -30.17 -8.09 -0.48
CA LYS A 368 -30.18 -7.42 0.78
C LYS A 368 -30.60 -5.99 0.66
N LEU A 369 -30.08 -5.29 -0.39
CA LEU A 369 -30.50 -3.89 -0.54
C LEU A 369 -32.03 -3.84 -0.72
N ARG A 370 -32.58 -4.67 -1.57
CA ARG A 370 -34.03 -4.66 -1.70
C ARG A 370 -34.82 -4.77 -0.44
N ALA A 371 -34.32 -5.59 0.44
CA ALA A 371 -35.01 -5.80 1.76
C ALA A 371 -34.92 -4.57 2.66
N MET A 372 -33.97 -3.71 2.40
CA MET A 372 -33.85 -2.45 3.09
C MET A 372 -34.91 -1.43 2.82
N LYS A 373 -35.50 -1.59 1.58
CA LYS A 373 -36.54 -0.67 1.20
C LYS A 373 -36.21 0.78 1.31
N THR A 374 -35.08 1.11 0.62
CA THR A 374 -34.47 2.42 0.72
C THR A 374 -34.40 3.00 -0.71
N THR A 375 -33.72 4.17 -0.78
CA THR A 375 -33.54 4.90 -1.97
C THR A 375 -32.12 5.23 -2.23
N SER A 376 -31.84 5.67 -3.46
CA SER A 376 -30.44 6.03 -3.75
C SER A 376 -29.96 7.14 -2.89
N GLU A 377 -30.73 8.23 -2.73
N GLU A 377 -30.71 8.25 -2.71
CA GLU A 377 -30.25 9.35 -1.95
CA GLU A 377 -30.14 9.36 -1.97
C GLU A 377 -29.90 8.90 -0.52
C GLU A 377 -29.91 8.94 -0.50
N GLY A 378 -30.82 8.12 0.05
CA GLY A 378 -30.55 7.72 1.43
C GLY A 378 -29.33 6.78 1.58
N PHE A 379 -29.27 5.85 0.66
CA PHE A 379 -28.21 4.82 0.70
C PHE A 379 -26.84 5.44 0.44
N ARG A 380 -26.81 6.34 -0.57
CA ARG A 380 -25.51 7.03 -0.81
C ARG A 380 -25.00 7.80 0.33
N LYS A 381 -25.91 8.50 0.99
N LYS A 381 -25.88 8.53 1.03
CA LYS A 381 -25.58 9.25 2.17
CA LYS A 381 -25.49 9.26 2.22
C LYS A 381 -25.04 8.39 3.31
C LYS A 381 -25.00 8.33 3.34
N ARG A 382 -25.73 7.24 3.52
CA ARG A 382 -25.33 6.29 4.61
C ARG A 382 -23.93 5.73 4.30
N VAL A 383 -23.66 5.29 3.06
CA VAL A 383 -22.38 4.71 2.70
C VAL A 383 -21.33 5.78 2.82
N GLY A 384 -21.53 6.98 2.27
CA GLY A 384 -20.49 7.99 2.34
C GLY A 384 -20.20 8.43 3.79
N ASP A 385 -21.22 8.54 4.61
CA ASP A 385 -20.99 8.92 5.99
C ASP A 385 -20.10 7.84 6.68
N VAL A 386 -20.35 6.58 6.45
CA VAL A 386 -19.55 5.52 7.07
C VAL A 386 -18.13 5.66 6.59
N VAL A 387 -17.89 5.68 5.29
CA VAL A 387 -16.57 5.51 4.79
C VAL A 387 -15.77 6.84 4.84
N PHE A 388 -16.37 7.97 4.48
CA PHE A 388 -15.60 9.19 4.44
C PHE A 388 -15.33 9.81 5.79
N ASN A 389 -16.02 9.36 6.83
CA ASN A 389 -15.75 9.79 8.20
C ASN A 389 -14.76 8.89 8.88
N HIS A 390 -14.24 7.87 8.20
CA HIS A 390 -13.32 6.90 8.80
C HIS A 390 -11.91 7.08 8.11
N LYS A 391 -10.89 6.74 8.90
CA LYS A 391 -9.54 6.69 8.43
C LYS A 391 -9.39 5.77 7.16
N ALA A 392 -10.08 4.67 7.11
CA ALA A 392 -9.93 3.75 5.99
C ALA A 392 -10.32 4.45 4.67
N GLY A 393 -11.22 5.41 4.76
CA GLY A 393 -11.61 6.20 3.60
C GLY A 393 -10.76 7.35 3.21
N TYR A 394 -9.67 7.63 3.96
CA TYR A 394 -8.87 8.84 3.78
C TYR A 394 -8.47 9.11 2.35
N THR A 395 -7.82 8.11 1.72
CA THR A 395 -7.19 8.30 0.47
C THR A 395 -8.20 8.25 -0.71
N ILE A 396 -9.46 7.93 -0.42
CA ILE A 396 -10.48 7.67 -1.46
C ILE A 396 -11.42 8.84 -1.58
N HIS A 397 -11.51 9.36 -2.82
CA HIS A 397 -12.37 10.51 -3.10
C HIS A 397 -13.68 10.21 -3.77
N ARG A 398 -13.78 9.10 -4.47
N ARG A 398 -13.80 9.08 -4.43
CA ARG A 398 -15.04 8.71 -5.05
CA ARG A 398 -15.04 8.73 -5.10
C ARG A 398 -15.34 7.26 -4.72
C ARG A 398 -15.38 7.28 -4.84
N LEU A 399 -16.56 7.00 -4.29
CA LEU A 399 -17.10 5.68 -4.11
C LEU A 399 -18.10 5.42 -5.19
N VAL A 400 -18.00 4.28 -5.86
CA VAL A 400 -18.94 3.91 -6.96
C VAL A 400 -19.67 2.69 -6.47
N LEU A 401 -20.99 2.81 -6.30
CA LEU A 401 -21.86 1.65 -5.89
C LEU A 401 -22.33 0.94 -7.09
N VAL A 402 -22.12 -0.37 -7.18
CA VAL A 402 -22.49 -1.17 -8.33
C VAL A 402 -23.24 -2.42 -7.88
N GLY A 403 -24.11 -2.93 -8.72
CA GLY A 403 -24.80 -4.14 -8.36
C GLY A 403 -24.04 -5.42 -8.60
N ASP A 404 -24.72 -6.58 -8.39
CA ASP A 404 -24.10 -7.87 -8.34
C ASP A 404 -23.54 -8.31 -9.61
N ASP A 405 -23.92 -7.78 -10.77
CA ASP A 405 -23.36 -8.29 -12.05
C ASP A 405 -21.97 -7.75 -12.30
N ILE A 406 -21.47 -6.78 -11.57
CA ILE A 406 -20.19 -6.19 -11.81
C ILE A 406 -19.10 -6.77 -10.97
N ASP A 407 -18.00 -7.15 -11.61
CA ASP A 407 -16.78 -7.59 -10.94
C ASP A 407 -15.94 -6.32 -10.68
N VAL A 408 -15.92 -5.93 -9.40
CA VAL A 408 -15.22 -4.67 -9.02
C VAL A 408 -13.70 -4.78 -9.24
N TYR A 409 -13.19 -5.98 -9.38
CA TYR A 409 -11.72 -6.22 -9.56
C TYR A 409 -11.39 -6.02 -11.00
N GLU A 410 -12.39 -5.76 -11.88
CA GLU A 410 -12.18 -5.56 -13.36
C GLU A 410 -12.51 -4.07 -13.66
N GLY A 411 -11.45 -3.26 -13.83
CA GLY A 411 -11.67 -1.88 -14.10
C GLY A 411 -12.55 -1.57 -15.26
N LYS A 412 -12.47 -2.32 -16.36
CA LYS A 412 -13.33 -2.10 -17.53
C LYS A 412 -14.74 -2.19 -17.15
N ASP A 413 -15.14 -3.09 -16.26
CA ASP A 413 -16.55 -3.24 -15.90
C ASP A 413 -17.01 -2.18 -14.97
N VAL A 414 -16.13 -1.76 -14.06
CA VAL A 414 -16.44 -0.60 -13.19
C VAL A 414 -16.65 0.61 -14.07
N LEU A 415 -15.79 0.87 -15.01
N LEU A 415 -15.78 0.88 -15.00
CA LEU A 415 -15.95 2.07 -15.85
CA LEU A 415 -15.97 2.08 -15.82
C LEU A 415 -17.25 2.00 -16.67
C LEU A 415 -17.25 2.00 -16.67
N TRP A 416 -17.57 0.84 -17.19
CA TRP A 416 -18.82 0.67 -17.91
C TRP A 416 -20.00 1.00 -17.06
N ALA A 417 -20.06 0.42 -15.82
CA ALA A 417 -21.20 0.64 -14.97
C ALA A 417 -21.26 2.12 -14.56
N PHE A 418 -20.15 2.73 -14.15
CA PHE A 418 -20.10 4.16 -13.75
C PHE A 418 -20.68 5.02 -14.89
N SER A 419 -20.19 4.75 -16.11
N SER A 419 -20.17 4.81 -16.11
CA SER A 419 -20.49 5.57 -17.24
CA SER A 419 -20.50 5.71 -17.19
C SER A 419 -21.90 5.49 -17.74
C SER A 419 -21.91 5.51 -17.75
N THR A 420 -22.57 4.37 -17.47
CA THR A 420 -23.84 4.11 -18.05
C THR A 420 -25.02 4.04 -17.01
N ARG A 421 -24.69 3.89 -15.70
CA ARG A 421 -25.75 3.70 -14.69
C ARG A 421 -25.81 4.82 -13.71
N CYS A 422 -24.83 5.74 -13.63
CA CYS A 422 -24.85 6.83 -12.67
C CYS A 422 -25.01 8.14 -13.45
N ARG A 423 -26.19 8.75 -13.26
CA ARG A 423 -26.49 10.04 -13.87
C ARG A 423 -25.74 11.12 -13.16
N PRO A 424 -24.86 11.88 -13.82
CA PRO A 424 -24.10 12.93 -13.17
C PRO A 424 -25.00 13.86 -12.37
N GLY A 425 -24.57 14.20 -11.18
CA GLY A 425 -25.36 15.12 -10.34
C GLY A 425 -26.43 14.43 -9.62
N MET A 426 -27.51 14.05 -10.25
CA MET A 426 -28.66 13.54 -9.57
C MET A 426 -28.40 12.26 -8.81
N ASP A 427 -27.54 11.38 -9.40
CA ASP A 427 -27.24 10.10 -8.80
C ASP A 427 -25.98 10.13 -7.91
N GLU A 428 -25.58 11.33 -7.51
CA GLU A 428 -24.37 11.47 -6.72
C GLU A 428 -24.65 12.33 -5.54
N THR A 429 -23.86 12.13 -4.48
CA THR A 429 -23.88 13.06 -3.29
C THR A 429 -22.47 13.49 -3.04
N LEU A 430 -22.25 14.78 -3.00
CA LEU A 430 -21.00 15.41 -2.68
C LEU A 430 -20.77 15.55 -1.18
N PHE A 431 -19.58 15.38 -0.69
CA PHE A 431 -19.23 15.48 0.73
C PHE A 431 -18.13 16.50 0.80
N GLU A 432 -18.46 17.69 1.32
CA GLU A 432 -17.49 18.74 1.43
C GLU A 432 -16.91 18.91 2.86
N ASP A 433 -17.54 18.33 3.86
CA ASP A 433 -17.17 18.46 5.29
C ASP A 433 -16.60 17.12 5.84
N VAL A 434 -15.71 16.54 5.10
CA VAL A 434 -14.96 15.36 5.46
C VAL A 434 -13.48 15.67 5.15
N ARG A 435 -12.62 14.88 5.77
CA ARG A 435 -11.17 15.07 5.55
C ARG A 435 -10.88 14.67 4.08
N GLY A 436 -10.12 15.52 3.42
CA GLY A 436 -9.65 15.25 2.05
C GLY A 436 -8.18 14.83 2.06
N PHE A 437 -7.80 14.16 0.93
CA PHE A 437 -6.43 13.72 0.84
C PHE A 437 -5.61 14.66 0.06
N PRO A 438 -4.71 15.43 0.68
CA PRO A 438 -4.10 16.57 -0.02
C PRO A 438 -3.18 16.21 -1.07
N LEU A 439 -2.67 14.99 -1.11
CA LEU A 439 -1.69 14.55 -2.11
C LEU A 439 -2.33 14.52 -3.51
N ILE A 440 -3.63 14.31 -3.62
CA ILE A 440 -4.22 14.32 -4.92
C ILE A 440 -4.04 15.73 -5.54
N PRO A 441 -3.54 15.87 -6.77
CA PRO A 441 -3.30 17.22 -7.25
C PRO A 441 -4.46 18.17 -7.17
N TYR A 442 -5.69 17.68 -7.50
CA TYR A 442 -6.87 18.56 -7.40
C TYR A 442 -7.20 19.05 -6.01
N MET A 443 -6.58 18.42 -5.01
CA MET A 443 -6.72 18.85 -3.62
C MET A 443 -5.62 19.83 -3.28
N GLY A 444 -4.40 19.34 -3.06
CA GLY A 444 -3.34 20.22 -2.60
C GLY A 444 -2.81 21.25 -3.54
N HIS A 445 -3.00 21.00 -4.84
CA HIS A 445 -2.66 21.97 -5.86
C HIS A 445 -3.87 22.43 -6.63
N GLY A 446 -5.08 22.35 -6.10
CA GLY A 446 -6.35 22.65 -6.74
C GLY A 446 -6.98 23.95 -6.34
N ASN A 447 -8.26 24.07 -6.64
CA ASN A 447 -9.01 25.30 -6.46
C ASN A 447 -9.64 25.47 -5.16
N GLY A 448 -9.62 24.44 -4.29
CA GLY A 448 -10.36 24.47 -3.03
C GLY A 448 -9.44 24.11 -1.87
N PRO A 449 -10.02 23.92 -0.68
CA PRO A 449 -9.27 23.62 0.55
C PRO A 449 -8.44 22.31 0.31
N ALA A 450 -7.17 22.26 0.65
CA ALA A 450 -6.43 21.09 0.42
C ALA A 450 -6.78 19.91 1.32
N HIS A 451 -7.34 20.19 2.47
CA HIS A 451 -7.56 19.19 3.46
C HIS A 451 -8.99 18.81 3.79
N ARG A 452 -9.90 19.32 3.01
CA ARG A 452 -11.35 19.18 3.29
C ARG A 452 -12.10 19.08 1.98
N GLY A 453 -13.01 18.13 1.99
CA GLY A 453 -14.04 17.99 0.92
C GLY A 453 -13.46 17.38 -0.35
N GLY A 454 -14.19 17.57 -1.41
CA GLY A 454 -13.80 17.00 -2.71
C GLY A 454 -14.19 15.55 -2.85
N LYS A 455 -15.11 15.00 -2.03
CA LYS A 455 -15.49 13.64 -2.10
C LYS A 455 -16.87 13.43 -2.59
N VAL A 456 -17.16 12.27 -3.11
CA VAL A 456 -18.44 11.99 -3.73
C VAL A 456 -18.79 10.51 -3.67
N VAL A 457 -20.07 10.23 -3.46
CA VAL A 457 -20.56 8.90 -3.68
C VAL A 457 -21.39 8.91 -4.97
N SER A 458 -20.99 8.07 -5.90
CA SER A 458 -21.60 7.96 -7.25
C SER A 458 -22.41 6.64 -7.27
N ASP A 459 -23.72 6.70 -7.37
CA ASP A 459 -24.57 5.53 -7.31
C ASP A 459 -24.79 4.99 -8.77
N ALA A 460 -24.15 3.91 -9.09
CA ALA A 460 -24.27 3.19 -10.32
C ALA A 460 -25.21 1.95 -10.19
N LEU A 461 -26.01 1.93 -9.13
CA LEU A 461 -27.18 1.03 -9.00
C LEU A 461 -28.33 1.59 -9.86
N MET A 462 -29.00 0.74 -10.60
CA MET A 462 -30.16 1.15 -11.40
C MET A 462 -31.41 1.16 -10.50
N PRO A 463 -32.44 1.91 -10.90
CA PRO A 463 -33.61 2.08 -10.00
C PRO A 463 -34.23 0.79 -9.52
N THR A 464 -34.35 -0.19 -10.40
CA THR A 464 -35.05 -1.39 -9.98
C THR A 464 -34.22 -2.26 -9.10
N GLU A 465 -32.90 -1.99 -9.00
CA GLU A 465 -32.04 -2.75 -8.05
C GLU A 465 -32.45 -2.47 -6.61
N TYR A 466 -33.13 -1.34 -6.32
CA TYR A 466 -33.65 -1.03 -5.00
C TYR A 466 -35.05 -1.61 -4.73
N THR A 467 -35.74 -2.12 -5.77
CA THR A 467 -37.21 -2.41 -5.66
C THR A 467 -37.41 -3.88 -5.99
N THR A 468 -37.45 -4.19 -7.24
CA THR A 468 -37.97 -5.50 -7.71
C THR A 468 -36.88 -6.37 -8.41
N GLY A 469 -35.72 -5.79 -8.72
CA GLY A 469 -34.58 -6.56 -9.25
C GLY A 469 -34.14 -6.00 -10.60
N ARG A 470 -32.97 -6.42 -11.01
CA ARG A 470 -32.41 -6.00 -12.29
C ARG A 470 -33.42 -6.26 -13.39
N ASN A 471 -33.54 -5.31 -14.32
CA ASN A 471 -34.55 -5.38 -15.41
C ASN A 471 -33.97 -5.35 -16.82
N TRP A 472 -32.68 -5.64 -16.93
CA TRP A 472 -31.97 -5.70 -18.18
C TRP A 472 -31.24 -6.96 -18.33
N GLU A 473 -30.75 -7.21 -19.58
CA GLU A 473 -29.72 -8.13 -19.87
C GLU A 473 -28.63 -7.36 -20.57
N ALA A 474 -27.35 -7.71 -20.40
CA ALA A 474 -26.32 -7.02 -21.13
C ALA A 474 -26.42 -7.46 -22.62
N ALA A 475 -26.11 -6.45 -23.48
CA ALA A 475 -25.89 -6.62 -24.91
C ALA A 475 -24.48 -7.04 -25.14
N ASP A 476 -24.16 -8.28 -24.72
CA ASP A 476 -22.85 -8.88 -24.86
C ASP A 476 -22.99 -10.33 -25.24
N PHE A 477 -21.86 -10.94 -25.60
CA PHE A 477 -21.93 -12.31 -26.00
C PHE A 477 -22.47 -13.22 -24.86
N ASN A 478 -22.04 -12.93 -23.63
CA ASN A 478 -22.42 -13.77 -22.55
C ASN A 478 -23.91 -13.78 -22.28
N GLN A 479 -24.57 -12.61 -22.33
CA GLN A 479 -25.93 -12.49 -21.91
C GLN A 479 -27.01 -12.37 -23.01
N SER A 480 -26.59 -12.14 -24.24
N SER A 480 -26.62 -12.06 -24.24
CA SER A 480 -27.56 -11.90 -25.26
CA SER A 480 -27.63 -11.89 -25.27
C SER A 480 -27.81 -13.09 -26.17
C SER A 480 -27.87 -13.12 -26.15
N TYR A 481 -27.22 -14.23 -25.85
CA TYR A 481 -27.33 -15.44 -26.65
C TYR A 481 -27.58 -16.63 -25.72
N PRO A 482 -28.32 -17.63 -26.12
CA PRO A 482 -28.47 -18.80 -25.26
C PRO A 482 -27.23 -19.60 -25.14
N GLU A 483 -27.19 -20.43 -24.05
CA GLU A 483 -26.05 -21.20 -23.76
C GLU A 483 -25.64 -22.12 -24.89
N ASP A 484 -26.59 -22.84 -25.45
N ASP A 484 -26.60 -22.86 -25.41
CA ASP A 484 -26.25 -23.77 -26.53
CA ASP A 484 -26.31 -23.80 -26.51
C ASP A 484 -25.61 -23.17 -27.79
C ASP A 484 -25.59 -23.15 -27.72
N LEU A 485 -26.11 -21.99 -28.11
CA LEU A 485 -25.58 -21.26 -29.17
C LEU A 485 -24.15 -20.73 -28.91
N LYS A 486 -23.99 -20.20 -27.69
CA LYS A 486 -22.68 -19.70 -27.34
C LYS A 486 -21.66 -20.81 -27.43
N GLN A 487 -22.06 -22.01 -26.90
CA GLN A 487 -21.06 -23.11 -26.93
C GLN A 487 -20.75 -23.59 -28.35
N LYS A 488 -21.77 -23.59 -29.18
CA LYS A 488 -21.50 -23.88 -30.61
C LYS A 488 -20.53 -22.95 -31.28
N VAL A 489 -20.74 -21.65 -31.00
CA VAL A 489 -19.91 -20.67 -31.54
C VAL A 489 -18.47 -20.85 -31.10
N LEU A 490 -18.29 -21.09 -29.80
CA LEU A 490 -17.01 -21.28 -29.24
C LEU A 490 -16.32 -22.56 -29.81
N ASP A 491 -17.11 -23.58 -29.89
CA ASP A 491 -16.59 -24.90 -30.40
C ASP A 491 -16.21 -24.83 -31.87
N ASN A 492 -16.84 -23.91 -32.66
CA ASN A 492 -16.55 -23.83 -34.09
C ASN A 492 -15.63 -22.68 -34.45
N TRP A 493 -15.16 -21.95 -33.44
CA TRP A 493 -14.44 -20.64 -33.65
C TRP A 493 -13.19 -20.74 -34.53
N THR A 494 -12.30 -21.69 -34.18
CA THR A 494 -11.06 -21.77 -34.94
C THR A 494 -11.34 -22.50 -36.29
N LYS A 495 -12.33 -23.45 -36.41
CA LYS A 495 -12.73 -24.17 -37.66
C LYS A 495 -13.16 -23.13 -38.61
N MET A 496 -13.94 -22.13 -38.12
CA MET A 496 -14.52 -21.13 -39.04
C MET A 496 -13.46 -20.24 -39.59
N GLY A 497 -12.36 -20.06 -38.85
CA GLY A 497 -11.18 -19.21 -39.15
C GLY A 497 -10.75 -18.08 -38.23
N PHE A 498 -11.30 -17.93 -37.05
CA PHE A 498 -11.04 -16.83 -36.05
C PHE A 498 -9.86 -17.22 -35.15
N SER A 499 -9.44 -16.34 -34.20
CA SER A 499 -8.15 -16.58 -33.41
C SER A 499 -8.43 -17.13 -32.08
N1 FMN B . 1.45 6.82 4.05
C2 FMN B . 1.88 8.00 4.53
O2 FMN B . 1.29 8.49 5.60
N3 FMN B . 2.90 8.71 3.97
C4 FMN B . 3.62 8.19 2.93
O4 FMN B . 4.57 8.88 2.51
C4A FMN B . 3.24 6.96 2.45
N5 FMN B . 3.95 6.38 1.41
C5A FMN B . 3.67 5.07 1.09
C6 FMN B . 4.48 4.46 0.07
C7 FMN B . 4.23 3.15 -0.30
C7M FMN B . 5.09 2.51 -1.36
C8 FMN B . 3.21 2.40 0.35
C8M FMN B . 2.92 0.94 -0.01
C9 FMN B . 2.48 3.00 1.38
C9A FMN B . 2.69 4.39 1.70
N10 FMN B . 1.80 5.05 2.64
C10 FMN B . 2.18 6.26 3.09
C1' FMN B . 0.54 4.48 3.05
C2' FMN B . 0.42 3.96 4.48
O2' FMN B . 1.42 2.97 4.63
C3' FMN B . -0.96 3.38 4.70
O3' FMN B . -1.85 4.50 4.69
C4' FMN B . -1.03 2.67 6.10
O4' FMN B . -2.45 2.39 6.34
C5' FMN B . -0.43 3.47 7.26
O5' FMN B . -0.42 2.64 8.42
P FMN B . -1.34 2.99 9.66
O1P FMN B . -1.19 4.45 9.92
O2P FMN B . -0.76 2.07 10.73
O3P FMN B . -2.75 2.59 9.28
MN MN C . -1.74 1.01 12.38
K K D . -0.51 -0.26 9.14
K K E . -28.03 5.26 -10.61
C1 TCA F . 3.40 9.35 -1.81
O TCA F . 3.26 9.16 -3.03
OXT TCA F . 4.37 9.97 -1.27
C2 TCA F . 2.24 8.75 -1.05
C3 TCA F . 1.92 9.19 0.21
C31 TCA F . 0.74 8.78 0.98
C32 TCA F . -0.07 7.66 0.65
C33 TCA F . -1.14 7.30 1.47
C34 TCA F . -1.48 8.04 2.61
C35 TCA F . -0.68 9.17 2.94
C36 TCA F . 0.38 9.55 2.15
#